data_9OK2
#
_entry.id   9OK2
#
_cell.length_a   167.556
_cell.length_b   55.124
_cell.length_c   120.614
_cell.angle_alpha   90.00
_cell.angle_beta   130.04
_cell.angle_gamma   90.00
#
_symmetry.space_group_name_H-M   'C 1 2 1'
#
loop_
_entity.id
_entity.type
_entity.pdbx_description
1 polymer "Bis(5'-nucleosyl)-tetraphosphatase [symmetrical]"
2 non-polymer "URIDINE-5'-DIPHOSPHATE"
3 non-polymer 'MANGANESE (II) ION'
4 non-polymer 'MAGNESIUM ION'
5 non-polymer '4-(2-HYDROXYETHYL)-1-PIPERAZINE ETHANESULFONIC ACID'
6 water water
#
_entity_poly.entity_id   1
_entity_poly.type   'polypeptide(L)'
_entity_poly.pdbx_seq_one_letter_code
;MATYLIGDVHGCYDELIALLHKVEFTPGKDTLWLTGDLVARGPGSLDVLRYVKSLGDSVRLVLGNHDLHLLAVFAGISRN
KPKDRLTPLLEAPDADELLNWLRRQPLLQIDEEKKLVMAHAGITPQWDLQTAKECARDVEAVLSSDSYPFFLDAMYGDMP
NNWSPELRGLGRLRFITNAFTRMRFCFPNGQLDMYSKESPEEAPAPLKPWFAIPGPVAEEYSIAFGHWASLEGKGTPEGI
YALDTGCCWGGTLTCLRWEDKQYFVQPSNRHKDLGEAAASHHHHHH
;
_entity_poly.pdbx_strand_id   A,B
#
# COMPACT_ATOMS: atom_id res chain seq x y z
N ALA A 2 -9.81 -36.19 6.44
CA ALA A 2 -8.83 -35.27 6.98
C ALA A 2 -9.37 -33.86 6.87
N THR A 3 -8.81 -32.96 7.67
CA THR A 3 -9.20 -31.56 7.70
C THR A 3 -8.00 -30.75 7.25
N TYR A 4 -8.19 -29.91 6.22
CA TYR A 4 -7.13 -29.08 5.68
C TYR A 4 -7.55 -27.63 5.78
N LEU A 5 -6.62 -26.77 6.21
CA LEU A 5 -6.86 -25.33 6.31
C LEU A 5 -5.85 -24.60 5.42
N ILE A 6 -6.35 -23.75 4.51
CA ILE A 6 -5.48 -23.00 3.61
C ILE A 6 -5.71 -21.51 3.77
N GLY A 7 -4.62 -20.74 3.68
CA GLY A 7 -4.67 -19.29 3.84
C GLY A 7 -5.11 -18.59 2.56
N ASP A 8 -4.87 -17.26 2.53
CA ASP A 8 -5.45 -16.41 1.48
C ASP A 8 -5.03 -16.86 0.08
N VAL A 9 -6.01 -17.14 -0.77
CA VAL A 9 -5.73 -17.66 -2.10
C VAL A 9 -5.48 -16.55 -3.11
N HIS A 10 -6.23 -15.45 -3.02
CA HIS A 10 -6.04 -14.29 -3.88
C HIS A 10 -5.87 -14.68 -5.35
N GLY A 11 -6.84 -15.45 -5.85
CA GLY A 11 -6.86 -15.74 -7.27
C GLY A 11 -5.77 -16.66 -7.76
N CYS A 12 -5.02 -17.26 -6.85
CA CYS A 12 -3.93 -18.16 -7.22
C CYS A 12 -4.49 -19.58 -7.39
N TYR A 13 -5.27 -19.74 -8.46
CA TYR A 13 -5.97 -21.00 -8.69
C TYR A 13 -4.98 -22.14 -8.93
N ASP A 14 -3.95 -21.91 -9.75
CA ASP A 14 -3.02 -23.00 -10.05
C ASP A 14 -2.34 -23.51 -8.78
N GLU A 15 -1.92 -22.60 -7.90
CA GLU A 15 -1.25 -23.01 -6.67
C GLU A 15 -2.22 -23.73 -5.74
N LEU A 16 -3.47 -23.26 -5.68
CA LEU A 16 -4.46 -23.92 -4.84
C LEU A 16 -4.66 -25.36 -5.28
N ILE A 17 -4.88 -25.59 -6.59
CA ILE A 17 -5.12 -26.94 -7.04
C ILE A 17 -3.88 -27.80 -6.86
N ALA A 18 -2.68 -27.24 -7.10
CA ALA A 18 -1.46 -28.01 -6.91
C ALA A 18 -1.29 -28.43 -5.45
N LEU A 19 -1.61 -27.54 -4.53
CA LEU A 19 -1.50 -27.88 -3.10
C LEU A 19 -2.54 -28.92 -2.71
N LEU A 20 -3.77 -28.79 -3.22
CA LEU A 20 -4.77 -29.80 -2.89
C LEU A 20 -4.41 -31.16 -3.49
N HIS A 21 -3.75 -31.17 -4.64
CA HIS A 21 -3.29 -32.45 -5.20
C HIS A 21 -2.16 -33.03 -4.35
N LYS A 22 -1.30 -32.18 -3.80
CA LYS A 22 -0.21 -32.65 -2.94
C LYS A 22 -0.74 -33.45 -1.77
N VAL A 23 -1.83 -33.00 -1.15
CA VAL A 23 -2.39 -33.70 0.01
C VAL A 23 -3.49 -34.68 -0.39
N GLU A 24 -3.73 -34.87 -1.68
CA GLU A 24 -4.78 -35.76 -2.18
C GLU A 24 -6.14 -35.42 -1.55
N PHE A 25 -6.47 -34.13 -1.59
CA PHE A 25 -7.75 -33.69 -1.05
C PHE A 25 -8.90 -34.37 -1.78
N THR A 26 -9.76 -35.03 -1.03
CA THR A 26 -10.86 -35.81 -1.58
C THR A 26 -12.19 -35.41 -0.93
N PRO A 27 -12.98 -34.57 -1.59
CA PRO A 27 -14.31 -34.24 -1.06
C PRO A 27 -15.07 -35.53 -0.74
N GLY A 28 -15.77 -35.51 0.38
CA GLY A 28 -16.45 -36.68 0.90
C GLY A 28 -15.65 -37.41 1.96
N LYS A 29 -14.32 -37.41 1.84
CA LYS A 29 -13.44 -37.92 2.89
C LYS A 29 -12.77 -36.81 3.67
N ASP A 30 -12.60 -35.64 3.05
CA ASP A 30 -11.85 -34.52 3.62
C ASP A 30 -12.71 -33.27 3.59
N THR A 31 -12.38 -32.33 4.48
CA THR A 31 -13.01 -31.02 4.52
C THR A 31 -11.92 -29.96 4.44
N LEU A 32 -12.17 -28.90 3.65
CA LEU A 32 -11.23 -27.80 3.45
C LEU A 32 -11.77 -26.56 4.14
N TRP A 33 -10.94 -25.93 4.96
CA TRP A 33 -11.23 -24.61 5.52
C TRP A 33 -10.40 -23.57 4.77
N LEU A 34 -11.03 -22.46 4.36
CA LEU A 34 -10.33 -21.37 3.67
C LEU A 34 -10.50 -20.07 4.45
N THR A 35 -9.39 -19.34 4.64
CA THR A 35 -9.40 -18.13 5.46
C THR A 35 -9.99 -16.92 4.75
N GLY A 36 -10.38 -17.04 3.50
CA GLY A 36 -10.97 -15.90 2.79
C GLY A 36 -9.91 -15.18 1.97
N ASP A 37 -10.31 -14.03 1.42
CA ASP A 37 -9.54 -13.36 0.37
C ASP A 37 -9.24 -14.36 -0.76
N LEU A 38 -10.33 -14.93 -1.26
CA LEU A 38 -10.23 -15.85 -2.38
C LEU A 38 -9.87 -15.16 -3.68
N VAL A 39 -10.11 -13.85 -3.77
CA VAL A 39 -10.09 -13.14 -5.03
C VAL A 39 -9.10 -11.99 -4.94
N ALA A 40 -8.84 -11.40 -6.11
CA ALA A 40 -7.97 -10.24 -6.33
C ALA A 40 -6.48 -10.54 -6.35
N ARG A 41 -5.76 -9.73 -7.14
CA ARG A 41 -4.31 -9.72 -7.30
C ARG A 41 -3.78 -10.87 -8.16
N GLY A 42 -4.06 -12.12 -7.78
CA GLY A 42 -3.70 -13.24 -8.63
C GLY A 42 -4.56 -13.25 -9.87
N PRO A 43 -4.24 -14.10 -10.82
CA PRO A 43 -4.91 -14.02 -12.13
C PRO A 43 -6.23 -14.76 -12.23
N GLY A 44 -6.47 -15.70 -11.31
CA GLY A 44 -7.58 -16.62 -11.48
C GLY A 44 -8.71 -16.56 -10.48
N SER A 45 -9.16 -15.34 -10.12
CA SER A 45 -10.28 -15.22 -9.19
C SER A 45 -11.53 -15.93 -9.69
N LEU A 46 -11.77 -15.89 -11.01
CA LEU A 46 -12.97 -16.53 -11.53
C LEU A 46 -12.92 -18.03 -11.30
N ASP A 47 -11.79 -18.65 -11.64
CA ASP A 47 -11.68 -20.10 -11.44
C ASP A 47 -11.73 -20.45 -9.96
N VAL A 48 -11.09 -19.65 -9.11
CA VAL A 48 -11.13 -19.93 -7.66
C VAL A 48 -12.57 -19.94 -7.16
N LEU A 49 -13.36 -18.91 -7.52
CA LEU A 49 -14.73 -18.87 -7.01
C LEU A 49 -15.55 -20.03 -7.56
N ARG A 50 -15.43 -20.34 -8.85
CA ARG A 50 -16.16 -21.49 -9.38
C ARG A 50 -15.83 -22.77 -8.62
N TYR A 51 -14.53 -23.03 -8.41
CA TYR A 51 -14.14 -24.27 -7.73
C TYR A 51 -14.64 -24.31 -6.27
N VAL A 52 -14.40 -23.24 -5.52
CA VAL A 52 -14.77 -23.27 -4.09
C VAL A 52 -16.28 -23.41 -3.94
N LYS A 53 -17.06 -22.71 -4.76
CA LYS A 53 -18.50 -22.89 -4.71
C LYS A 53 -18.88 -24.33 -5.01
N SER A 54 -18.18 -24.96 -5.97
CA SER A 54 -18.54 -26.33 -6.32
C SER A 54 -18.31 -27.31 -5.18
N LEU A 55 -17.47 -26.95 -4.21
CA LEU A 55 -17.17 -27.90 -3.13
C LEU A 55 -18.33 -28.08 -2.16
N GLY A 56 -19.26 -27.13 -2.07
CA GLY A 56 -20.42 -27.33 -1.21
C GLY A 56 -20.02 -27.58 0.23
N ASP A 57 -20.62 -28.61 0.85
CA ASP A 57 -20.35 -28.91 2.26
C ASP A 57 -18.92 -29.35 2.52
N SER A 58 -18.11 -29.60 1.50
CA SER A 58 -16.73 -30.00 1.72
C SER A 58 -15.81 -28.82 1.95
N VAL A 59 -16.34 -27.60 1.93
CA VAL A 59 -15.52 -26.43 2.23
C VAL A 59 -16.22 -25.59 3.29
N ARG A 60 -15.44 -25.02 4.20
CA ARG A 60 -15.87 -24.07 5.23
C ARG A 60 -15.08 -22.79 4.99
N LEU A 61 -15.74 -21.78 4.42
CA LEU A 61 -15.13 -20.51 4.05
C LEU A 61 -15.47 -19.45 5.09
N VAL A 62 -14.57 -18.49 5.29
CA VAL A 62 -14.94 -17.21 5.90
C VAL A 62 -14.59 -16.11 4.92
N LEU A 63 -15.39 -15.04 4.92
CA LEU A 63 -15.13 -13.93 4.01
C LEU A 63 -14.03 -13.01 4.53
N GLY A 64 -13.20 -12.51 3.61
CA GLY A 64 -12.15 -11.57 3.92
C GLY A 64 -12.45 -10.19 3.34
N ASN A 65 -11.51 -9.26 3.59
CA ASN A 65 -11.74 -7.88 3.16
C ASN A 65 -11.76 -7.74 1.64
N HIS A 66 -10.96 -8.53 0.91
CA HIS A 66 -11.01 -8.42 -0.54
C HIS A 66 -12.25 -9.08 -1.12
N ASP A 67 -12.78 -10.11 -0.44
CA ASP A 67 -14.06 -10.68 -0.88
C ASP A 67 -15.17 -9.64 -0.75
N LEU A 68 -15.19 -8.93 0.38
CA LEU A 68 -16.19 -7.87 0.55
C LEU A 68 -15.99 -6.74 -0.46
N HIS A 69 -14.74 -6.35 -0.73
CA HIS A 69 -14.53 -5.32 -1.75
C HIS A 69 -15.07 -5.76 -3.10
N LEU A 70 -14.82 -7.01 -3.49
CA LEU A 70 -15.36 -7.50 -4.74
C LEU A 70 -16.87 -7.35 -4.76
N LEU A 71 -17.53 -7.69 -3.65
CA LEU A 71 -18.98 -7.56 -3.60
C LEU A 71 -19.39 -6.09 -3.75
N ALA A 72 -18.63 -5.18 -3.14
CA ALA A 72 -18.93 -3.76 -3.29
C ALA A 72 -18.76 -3.29 -4.73
N VAL A 73 -17.73 -3.79 -5.44
CA VAL A 73 -17.55 -3.43 -6.85
C VAL A 73 -18.72 -3.95 -7.68
N PHE A 74 -19.09 -5.21 -7.46
CA PHE A 74 -20.18 -5.85 -8.19
C PHE A 74 -21.48 -5.07 -8.03
N ALA A 75 -21.73 -4.56 -6.83
CA ALA A 75 -22.93 -3.84 -6.50
C ALA A 75 -22.88 -2.37 -6.89
N GLY A 76 -21.78 -1.90 -7.47
CA GLY A 76 -21.67 -0.52 -7.90
C GLY A 76 -21.41 0.45 -6.77
N ILE A 77 -21.02 -0.07 -5.60
CA ILE A 77 -20.71 0.76 -4.43
C ILE A 77 -19.30 1.33 -4.53
N SER A 78 -18.35 0.53 -5.02
CA SER A 78 -16.94 0.89 -5.01
C SER A 78 -16.34 0.73 -6.40
N ARG A 79 -15.28 1.50 -6.66
CA ARG A 79 -14.66 1.49 -7.97
C ARG A 79 -13.69 0.31 -8.09
N ASN A 80 -13.68 -0.28 -9.28
CA ASN A 80 -12.75 -1.37 -9.58
C ASN A 80 -11.34 -0.82 -9.76
N LYS A 81 -10.38 -1.43 -9.08
CA LYS A 81 -8.97 -1.05 -9.25
C LYS A 81 -8.29 -1.98 -10.24
N PRO A 82 -7.60 -1.47 -11.27
CA PRO A 82 -6.98 -2.39 -12.24
C PRO A 82 -6.10 -3.43 -11.58
N LYS A 83 -5.39 -3.04 -10.51
CA LYS A 83 -4.45 -3.93 -9.84
C LYS A 83 -5.12 -5.21 -9.34
N ASP A 84 -6.43 -5.16 -9.06
CA ASP A 84 -7.08 -6.33 -8.47
C ASP A 84 -7.36 -7.44 -9.46
N ARG A 85 -7.34 -7.17 -10.77
CA ARG A 85 -7.50 -8.20 -11.79
C ARG A 85 -8.83 -8.94 -11.66
N LEU A 86 -9.89 -8.19 -11.36
CA LEU A 86 -11.22 -8.72 -11.17
C LEU A 86 -12.10 -8.71 -12.42
N THR A 87 -11.66 -8.12 -13.53
CA THR A 87 -12.59 -7.94 -14.64
C THR A 87 -13.09 -9.27 -15.21
N PRO A 88 -12.27 -10.31 -15.38
CA PRO A 88 -12.81 -11.57 -15.91
C PRO A 88 -13.93 -12.13 -15.06
N LEU A 89 -13.80 -12.06 -13.73
CA LEU A 89 -14.88 -12.51 -12.85
C LEU A 89 -16.10 -11.61 -12.99
N LEU A 90 -15.90 -10.29 -12.97
CA LEU A 90 -17.06 -9.41 -13.05
C LEU A 90 -17.79 -9.56 -14.38
N GLU A 91 -17.09 -9.91 -15.46
CA GLU A 91 -17.70 -9.99 -16.78
C GLU A 91 -18.17 -11.41 -17.11
N ALA A 92 -17.97 -12.36 -16.21
CA ALA A 92 -18.33 -13.73 -16.49
C ALA A 92 -19.85 -13.87 -16.56
N PRO A 93 -20.35 -14.77 -17.39
CA PRO A 93 -21.80 -14.98 -17.48
C PRO A 93 -22.41 -15.50 -16.20
N ASP A 94 -21.62 -16.18 -15.35
CA ASP A 94 -22.15 -16.66 -14.08
C ASP A 94 -21.78 -15.76 -12.90
N ALA A 95 -21.36 -14.52 -13.17
CA ALA A 95 -20.96 -13.63 -12.08
C ALA A 95 -22.06 -13.49 -11.03
N ASP A 96 -23.32 -13.29 -11.45
CA ASP A 96 -24.40 -13.16 -10.47
C ASP A 96 -24.50 -14.39 -9.57
N GLU A 97 -24.51 -15.58 -10.17
CA GLU A 97 -24.55 -16.83 -9.42
C GLU A 97 -23.40 -16.92 -8.43
N LEU A 98 -22.17 -16.63 -8.88
CA LEU A 98 -20.99 -16.77 -8.02
C LEU A 98 -21.02 -15.76 -6.87
N LEU A 99 -21.40 -14.52 -7.16
CA LEU A 99 -21.31 -13.48 -6.14
C LEU A 99 -22.50 -13.51 -5.18
N ASN A 100 -23.66 -13.95 -5.64
CA ASN A 100 -24.77 -14.18 -4.71
C ASN A 100 -24.49 -15.35 -3.80
N TRP A 101 -23.74 -16.37 -4.27
CA TRP A 101 -23.27 -17.39 -3.34
C TRP A 101 -22.24 -16.80 -2.37
N LEU A 102 -21.31 -16.00 -2.87
CA LEU A 102 -20.23 -15.52 -2.02
C LEU A 102 -20.77 -14.69 -0.86
N ARG A 103 -21.73 -13.79 -1.14
CA ARG A 103 -22.19 -12.93 -0.05
C ARG A 103 -22.97 -13.68 1.02
N ARG A 104 -23.36 -14.92 0.77
CA ARG A 104 -24.06 -15.72 1.76
C ARG A 104 -23.11 -16.55 2.62
N GLN A 105 -21.80 -16.41 2.44
CA GLN A 105 -20.91 -17.25 3.22
C GLN A 105 -20.58 -16.62 4.56
N PRO A 106 -20.12 -17.42 5.51
CA PRO A 106 -19.94 -16.91 6.88
C PRO A 106 -18.75 -15.98 7.03
N LEU A 107 -18.78 -15.22 8.13
CA LEU A 107 -17.63 -14.49 8.63
C LEU A 107 -16.83 -15.28 9.67
N LEU A 108 -17.43 -16.35 10.18
CA LEU A 108 -16.88 -17.06 11.33
C LEU A 108 -17.25 -18.54 11.20
N GLN A 109 -16.27 -19.42 11.42
CA GLN A 109 -16.48 -20.87 11.44
C GLN A 109 -16.03 -21.42 12.79
N ILE A 110 -16.84 -22.28 13.40
CA ILE A 110 -16.50 -22.90 14.68
C ILE A 110 -16.74 -24.40 14.58
N ASP A 111 -15.76 -25.19 15.02
CA ASP A 111 -15.90 -26.64 15.15
C ASP A 111 -15.66 -26.98 16.63
N GLU A 112 -16.72 -27.37 17.32
CA GLU A 112 -16.61 -27.59 18.76
C GLU A 112 -15.81 -28.85 19.09
N GLU A 113 -15.90 -29.88 18.26
CA GLU A 113 -15.15 -31.11 18.53
C GLU A 113 -13.65 -30.89 18.37
N LYS A 114 -13.27 -30.01 17.44
CA LYS A 114 -11.87 -29.68 17.27
C LYS A 114 -11.44 -28.53 18.16
N LYS A 115 -12.40 -27.89 18.83
CA LYS A 115 -12.14 -26.67 19.58
C LYS A 115 -11.36 -25.70 18.70
N LEU A 116 -11.93 -25.44 17.51
CA LEU A 116 -11.24 -24.67 16.48
C LEU A 116 -12.16 -23.56 16.00
N VAL A 117 -11.63 -22.35 15.95
CA VAL A 117 -12.33 -21.17 15.44
C VAL A 117 -11.53 -20.61 14.27
N MET A 118 -12.24 -20.21 13.21
CA MET A 118 -11.64 -19.52 12.07
C MET A 118 -12.38 -18.21 11.76
N ALA A 119 -11.61 -17.16 11.54
CA ALA A 119 -12.10 -15.91 10.96
C ALA A 119 -10.98 -15.33 10.11
N HIS A 120 -11.31 -14.38 9.25
CA HIS A 120 -10.31 -13.95 8.29
C HIS A 120 -9.12 -13.30 8.98
N ALA A 121 -9.40 -12.34 9.86
CA ALA A 121 -8.33 -11.62 10.54
C ALA A 121 -8.06 -12.15 11.94
N GLY A 122 -8.94 -12.96 12.49
CA GLY A 122 -8.77 -13.48 13.83
C GLY A 122 -9.94 -13.11 14.70
N ILE A 123 -9.77 -13.21 16.01
CA ILE A 123 -10.83 -12.85 16.96
C ILE A 123 -10.27 -11.76 17.87
N THR A 124 -10.89 -10.57 17.84
CA THR A 124 -10.39 -9.51 18.73
C THR A 124 -10.45 -9.98 20.18
N PRO A 125 -9.43 -9.68 20.98
CA PRO A 125 -9.47 -10.06 22.39
C PRO A 125 -10.60 -9.38 23.17
N GLN A 126 -11.27 -8.38 22.58
CA GLN A 126 -12.41 -7.77 23.24
C GLN A 126 -13.70 -8.57 23.11
N TRP A 127 -13.68 -9.70 22.40
CA TRP A 127 -14.85 -10.53 22.19
C TRP A 127 -14.71 -11.86 22.91
N ASP A 128 -15.78 -12.27 23.60
CA ASP A 128 -15.93 -13.66 24.00
C ASP A 128 -16.62 -14.41 22.86
N LEU A 129 -16.79 -15.72 23.01
CA LEU A 129 -17.29 -16.49 21.88
C LEU A 129 -18.74 -16.14 21.56
N GLN A 130 -19.59 -15.97 22.58
CA GLN A 130 -20.99 -15.65 22.32
C GLN A 130 -21.12 -14.33 21.57
N THR A 131 -20.29 -13.34 21.92
CA THR A 131 -20.32 -12.06 21.22
C THR A 131 -19.82 -12.21 19.79
N ALA A 132 -18.73 -12.93 19.58
CA ALA A 132 -18.26 -13.14 18.20
C ALA A 132 -19.35 -13.79 17.36
N LYS A 133 -20.05 -14.77 17.93
CA LYS A 133 -21.11 -15.46 17.18
C LYS A 133 -22.22 -14.51 16.82
N GLU A 134 -22.66 -13.70 17.80
CA GLU A 134 -23.75 -12.75 17.55
C GLU A 134 -23.36 -11.72 16.49
N CYS A 135 -22.12 -11.23 16.55
CA CYS A 135 -21.69 -10.23 15.58
C CYS A 135 -21.59 -10.84 14.19
N ALA A 136 -21.03 -12.05 14.08
CA ALA A 136 -21.01 -12.69 12.78
C ALA A 136 -22.42 -12.87 12.23
N ARG A 137 -23.35 -13.31 13.07
CA ARG A 137 -24.71 -13.51 12.58
C ARG A 137 -25.31 -12.20 12.10
N ASP A 138 -25.06 -11.10 12.81
CA ASP A 138 -25.64 -9.82 12.40
C ASP A 138 -25.11 -9.36 11.04
N VAL A 139 -23.80 -9.47 10.83
CA VAL A 139 -23.27 -9.00 9.56
C VAL A 139 -23.63 -9.97 8.43
N GLU A 140 -23.61 -11.28 8.71
CA GLU A 140 -24.03 -12.23 7.70
C GLU A 140 -25.47 -11.98 7.28
N ALA A 141 -26.31 -11.55 8.24
CA ALA A 141 -27.70 -11.24 7.90
C ALA A 141 -27.78 -10.08 6.93
N VAL A 142 -26.97 -9.03 7.15
CA VAL A 142 -27.08 -7.91 6.21
C VAL A 142 -26.54 -8.33 4.84
N LEU A 143 -25.46 -9.12 4.82
CA LEU A 143 -24.84 -9.50 3.54
C LEU A 143 -25.70 -10.45 2.73
N SER A 144 -26.50 -11.29 3.38
CA SER A 144 -27.37 -12.23 2.68
C SER A 144 -28.70 -11.62 2.30
N SER A 145 -28.96 -10.37 2.69
CA SER A 145 -30.24 -9.71 2.46
C SER A 145 -30.30 -9.05 1.10
N ASP A 146 -31.54 -8.76 0.65
CA ASP A 146 -31.71 -8.07 -0.62
C ASP A 146 -31.07 -6.68 -0.62
N SER A 147 -30.89 -6.09 0.55
CA SER A 147 -30.38 -4.74 0.71
C SER A 147 -28.88 -4.70 0.98
N TYR A 148 -28.15 -5.74 0.60
CA TYR A 148 -26.74 -5.78 0.94
C TYR A 148 -25.92 -4.63 0.35
N PRO A 149 -26.26 -4.01 -0.78
CA PRO A 149 -25.45 -2.86 -1.23
C PRO A 149 -25.43 -1.71 -0.22
N PHE A 150 -26.54 -1.49 0.49
CA PHE A 150 -26.54 -0.47 1.54
C PHE A 150 -25.55 -0.79 2.64
N PHE A 151 -25.50 -2.06 3.11
CA PHE A 151 -24.50 -2.38 4.12
C PHE A 151 -23.10 -2.24 3.57
N LEU A 152 -22.86 -2.75 2.35
CA LEU A 152 -21.50 -2.63 1.84
C LEU A 152 -21.04 -1.18 1.84
N ASP A 153 -21.94 -0.26 1.46
CA ASP A 153 -21.58 1.15 1.51
C ASP A 153 -21.33 1.60 2.94
N ALA A 154 -22.14 1.10 3.87
CA ALA A 154 -22.03 1.50 5.27
C ALA A 154 -20.80 0.93 5.96
N MET A 155 -20.21 -0.15 5.43
CA MET A 155 -19.12 -0.82 6.14
C MET A 155 -17.84 0.01 6.15
N TYR A 156 -17.63 0.84 5.13
CA TYR A 156 -16.37 1.55 4.99
C TYR A 156 -16.21 2.55 6.13
N GLY A 157 -15.03 2.56 6.74
CA GLY A 157 -14.74 3.43 7.86
C GLY A 157 -13.77 2.77 8.83
N ASP A 158 -13.05 3.61 9.57
CA ASP A 158 -12.05 3.13 10.52
C ASP A 158 -12.48 3.28 11.97
N MET A 159 -13.64 3.88 12.24
CA MET A 159 -14.13 4.07 13.60
C MET A 159 -15.56 3.57 13.74
N PRO A 160 -15.97 3.20 14.96
CA PRO A 160 -15.19 3.15 16.20
C PRO A 160 -14.22 1.98 16.19
N ASN A 161 -13.17 2.06 17.00
CA ASN A 161 -12.17 1.01 17.08
C ASN A 161 -12.15 0.34 18.44
N ASN A 162 -13.16 0.58 19.27
CA ASN A 162 -13.27 -0.01 20.60
C ASN A 162 -14.63 -0.66 20.73
N TRP A 163 -14.64 -1.95 21.07
CA TRP A 163 -15.91 -2.66 21.23
C TRP A 163 -16.61 -2.26 22.52
N SER A 164 -17.93 -2.13 22.43
CA SER A 164 -18.82 -2.07 23.57
C SER A 164 -20.14 -2.75 23.20
N PRO A 165 -20.75 -3.50 24.12
CA PRO A 165 -22.09 -4.03 23.85
C PRO A 165 -23.12 -2.94 23.62
N GLU A 166 -22.84 -1.70 23.99
CA GLU A 166 -23.77 -0.60 23.76
C GLU A 166 -23.66 -0.01 22.37
N LEU A 167 -22.67 -0.43 21.57
CA LEU A 167 -22.57 0.10 20.21
C LEU A 167 -23.86 -0.22 19.45
N ARG A 168 -24.27 0.71 18.60
CA ARG A 168 -25.48 0.54 17.82
C ARG A 168 -25.24 1.00 16.40
N GLY A 169 -26.07 0.49 15.49
CA GLY A 169 -26.15 1.10 14.17
C GLY A 169 -24.88 0.97 13.36
N LEU A 170 -24.59 2.04 12.62
CA LEU A 170 -23.50 2.00 11.64
C LEU A 170 -22.17 1.71 12.32
N GLY A 171 -21.91 2.36 13.46
CA GLY A 171 -20.67 2.13 14.16
C GLY A 171 -20.50 0.68 14.58
N ARG A 172 -21.59 0.06 15.04
CA ARG A 172 -21.51 -1.34 15.43
C ARG A 172 -21.13 -2.21 14.25
N LEU A 173 -21.82 -2.03 13.11
CA LEU A 173 -21.52 -2.83 11.93
C LEU A 173 -20.11 -2.60 11.44
N ARG A 174 -19.65 -1.35 11.45
CA ARG A 174 -18.29 -1.04 11.00
C ARG A 174 -17.25 -1.71 11.89
N PHE A 175 -17.44 -1.65 13.21
CA PHE A 175 -16.48 -2.32 14.09
C PHE A 175 -16.45 -3.81 13.82
N ILE A 176 -17.63 -4.43 13.73
CA ILE A 176 -17.68 -5.87 13.49
C ILE A 176 -16.91 -6.22 12.23
N THR A 177 -17.15 -5.46 11.15
CA THR A 177 -16.50 -5.74 9.88
C THR A 177 -15.00 -5.58 9.98
N ASN A 178 -14.56 -4.51 10.65
CA ASN A 178 -13.12 -4.29 10.79
C ASN A 178 -12.47 -5.37 11.63
N ALA A 179 -13.12 -5.79 12.73
CA ALA A 179 -12.56 -6.82 13.62
C ALA A 179 -12.42 -8.15 12.88
N PHE A 180 -13.43 -8.55 12.11
CA PHE A 180 -13.33 -9.84 11.43
C PHE A 180 -12.41 -9.82 10.22
N THR A 181 -12.32 -8.70 9.49
CA THR A 181 -11.68 -8.75 8.19
C THR A 181 -10.48 -7.82 7.98
N ARG A 182 -10.18 -6.91 8.92
CA ARG A 182 -9.08 -5.98 8.77
C ARG A 182 -8.09 -5.98 9.93
N MET A 183 -8.46 -6.48 11.12
CA MET A 183 -7.61 -6.50 12.30
C MET A 183 -6.19 -6.97 12.03
N ARG A 184 -5.24 -6.26 12.64
CA ARG A 184 -3.90 -6.80 12.83
C ARG A 184 -3.42 -6.43 14.23
N PHE A 185 -3.15 -5.15 14.45
CA PHE A 185 -2.60 -4.66 15.70
C PHE A 185 -3.65 -4.12 16.64
N CYS A 186 -3.38 -4.25 17.94
CA CYS A 186 -4.22 -3.73 19.00
C CYS A 186 -3.40 -2.81 19.90
N PHE A 187 -4.08 -1.84 20.51
CA PHE A 187 -3.49 -1.11 21.61
C PHE A 187 -3.58 -1.97 22.87
N PRO A 188 -2.82 -1.63 23.92
CA PRO A 188 -2.81 -2.49 25.11
C PRO A 188 -4.19 -2.84 25.64
N ASN A 189 -5.17 -1.96 25.47
CA ASN A 189 -6.52 -2.19 25.96
C ASN A 189 -7.38 -2.97 24.97
N GLY A 190 -6.79 -3.47 23.87
CA GLY A 190 -7.53 -4.24 22.90
C GLY A 190 -8.11 -3.45 21.76
N GLN A 191 -8.09 -2.13 21.83
CA GLN A 191 -8.66 -1.31 20.78
C GLN A 191 -7.91 -1.52 19.46
N LEU A 192 -8.65 -1.55 18.35
CA LEU A 192 -8.04 -1.84 17.06
C LEU A 192 -7.25 -0.66 16.52
N ASP A 193 -6.09 -0.94 15.93
CA ASP A 193 -5.39 0.02 15.09
C ASP A 193 -5.65 -0.30 13.62
N MET A 194 -6.15 0.67 12.86
CA MET A 194 -6.52 0.36 11.49
C MET A 194 -5.49 0.84 10.46
N TYR A 195 -4.28 1.19 10.89
CA TYR A 195 -3.31 1.78 9.95
C TYR A 195 -2.07 0.93 9.76
N SER A 196 -1.53 0.34 10.81
CA SER A 196 -0.25 -0.36 10.69
C SER A 196 -0.46 -1.75 10.10
N LYS A 197 0.29 -2.06 9.05
CA LYS A 197 0.19 -3.36 8.38
C LYS A 197 1.54 -4.09 8.38
N GLU A 198 2.51 -3.63 9.17
CA GLU A 198 3.84 -4.20 9.14
C GLU A 198 3.91 -5.46 10.00
N SER A 199 5.07 -6.10 9.99
CA SER A 199 5.30 -7.24 10.86
C SER A 199 5.34 -6.78 12.31
N PRO A 200 5.09 -7.68 13.26
CA PRO A 200 5.10 -7.28 14.67
C PRO A 200 6.39 -6.59 15.11
N GLU A 201 7.54 -7.05 14.61
CA GLU A 201 8.80 -6.45 15.01
C GLU A 201 8.95 -5.03 14.50
N GLU A 202 8.26 -4.67 13.42
CA GLU A 202 8.43 -3.37 12.79
C GLU A 202 7.35 -2.37 13.16
N ALA A 203 6.38 -2.77 13.97
CA ALA A 203 5.27 -1.88 14.27
C ALA A 203 5.70 -0.82 15.30
N PRO A 204 5.09 0.36 15.26
CA PRO A 204 5.40 1.36 16.28
C PRO A 204 4.79 0.97 17.62
N ALA A 205 5.54 1.24 18.70
CA ALA A 205 5.00 1.04 20.03
C ALA A 205 3.80 1.97 20.26
N PRO A 206 2.86 1.59 21.13
CA PRO A 206 2.81 0.35 21.92
C PRO A 206 1.98 -0.73 21.23
N LEU A 207 1.96 -0.76 19.90
CA LEU A 207 1.10 -1.71 19.20
C LEU A 207 1.60 -3.13 19.39
N LYS A 208 0.67 -4.06 19.62
CA LYS A 208 0.95 -5.47 19.73
C LYS A 208 -0.05 -6.25 18.89
N PRO A 209 0.34 -7.42 18.38
CA PRO A 209 -0.62 -8.23 17.62
C PRO A 209 -1.84 -8.55 18.46
N TRP A 210 -3.00 -8.64 17.80
CA TRP A 210 -4.22 -9.01 18.51
C TRP A 210 -4.04 -10.30 19.30
N PHE A 211 -3.25 -11.25 18.76
CA PHE A 211 -3.12 -12.54 19.43
C PHE A 211 -2.15 -12.51 20.59
N ALA A 212 -1.45 -11.39 20.80
CA ALA A 212 -0.57 -11.23 21.95
C ALA A 212 -1.31 -10.71 23.18
N ILE A 213 -2.59 -10.38 23.05
CA ILE A 213 -3.40 -9.92 24.16
C ILE A 213 -4.31 -11.06 24.59
N PRO A 214 -4.26 -11.49 25.86
CA PRO A 214 -5.10 -12.62 26.29
C PRO A 214 -6.57 -12.31 26.04
N GLY A 215 -7.24 -13.19 25.31
CA GLY A 215 -8.66 -13.06 25.09
C GLY A 215 -9.42 -14.33 25.41
N PRO A 216 -10.70 -14.19 25.76
CA PRO A 216 -11.47 -15.36 26.22
C PRO A 216 -11.61 -16.44 25.18
N VAL A 217 -11.70 -16.10 23.89
CA VAL A 217 -11.84 -17.14 22.88
C VAL A 217 -10.53 -17.90 22.74
N ALA A 218 -9.42 -17.18 22.67
CA ALA A 218 -8.12 -17.81 22.51
C ALA A 218 -7.73 -18.65 23.72
N GLU A 219 -8.31 -18.37 24.89
CA GLU A 219 -7.98 -19.17 26.06
C GLU A 219 -8.63 -20.56 26.00
N GLU A 220 -9.71 -20.71 25.25
CA GLU A 220 -10.41 -21.97 25.16
C GLU A 220 -10.29 -22.65 23.81
N TYR A 221 -10.05 -21.91 22.73
CA TYR A 221 -10.12 -22.42 21.37
C TYR A 221 -8.82 -22.16 20.65
N SER A 222 -8.49 -23.03 19.70
CA SER A 222 -7.49 -22.67 18.72
C SER A 222 -8.11 -21.71 17.72
N ILE A 223 -7.31 -20.78 17.21
CA ILE A 223 -7.79 -19.82 16.21
C ILE A 223 -6.91 -19.90 14.97
N ALA A 224 -7.54 -20.17 13.83
CA ALA A 224 -6.86 -20.10 12.54
C ALA A 224 -7.32 -18.85 11.80
N PHE A 225 -6.40 -18.18 11.11
CA PHE A 225 -6.76 -16.97 10.38
C PHE A 225 -5.80 -16.78 9.21
N GLY A 226 -6.11 -15.80 8.37
CA GLY A 226 -5.25 -15.48 7.24
C GLY A 226 -4.86 -14.02 7.28
N HIS A 227 -5.10 -13.30 6.19
CA HIS A 227 -5.13 -11.83 6.11
C HIS A 227 -3.77 -11.14 6.24
N TRP A 228 -3.01 -11.46 7.29
CA TRP A 228 -1.85 -10.65 7.69
C TRP A 228 -0.59 -11.18 7.01
N ALA A 229 -0.41 -10.81 5.74
CA ALA A 229 0.68 -11.40 4.96
C ALA A 229 2.04 -11.01 5.51
N SER A 230 2.21 -9.78 6.03
CA SER A 230 3.52 -9.39 6.51
C SER A 230 3.95 -10.17 7.75
N LEU A 231 3.02 -10.87 8.40
CA LEU A 231 3.38 -11.75 9.50
C LEU A 231 4.07 -13.01 8.99
N GLU A 232 3.90 -13.35 7.71
CA GLU A 232 4.57 -14.48 7.08
C GLU A 232 4.28 -15.80 7.77
N GLY A 233 3.16 -15.89 8.49
CA GLY A 233 2.82 -17.11 9.18
C GLY A 233 3.66 -17.44 10.39
N LYS A 234 4.49 -16.50 10.85
CA LYS A 234 5.46 -16.75 11.91
C LYS A 234 5.11 -15.94 13.15
N GLY A 235 5.75 -16.31 14.26
CA GLY A 235 5.68 -15.51 15.47
C GLY A 235 4.40 -15.62 16.27
N THR A 236 3.63 -16.68 16.13
CA THR A 236 2.39 -16.77 16.88
C THR A 236 2.53 -17.70 18.08
N PRO A 237 1.70 -17.51 19.09
CA PRO A 237 1.71 -18.40 20.27
C PRO A 237 1.11 -19.76 19.95
N GLU A 238 1.28 -20.69 20.89
CA GLU A 238 0.62 -21.98 20.77
C GLU A 238 -0.89 -21.80 20.64
N GLY A 239 -1.49 -22.53 19.70
CA GLY A 239 -2.93 -22.46 19.52
C GLY A 239 -3.39 -21.41 18.52
N ILE A 240 -2.48 -20.61 17.99
CA ILE A 240 -2.79 -19.56 17.01
C ILE A 240 -2.11 -19.93 15.71
N TYR A 241 -2.88 -20.02 14.61
CA TYR A 241 -2.37 -20.49 13.33
C TYR A 241 -2.55 -19.40 12.27
N ALA A 242 -1.45 -18.74 11.92
CA ALA A 242 -1.44 -17.69 10.91
C ALA A 242 -1.12 -18.34 9.56
N LEU A 243 -2.15 -18.54 8.75
CA LEU A 243 -1.99 -19.33 7.54
C LEU A 243 -1.67 -18.53 6.28
N ASP A 244 -1.72 -17.20 6.31
CA ASP A 244 -1.47 -16.41 5.10
C ASP A 244 0.03 -16.20 4.92
N THR A 245 0.64 -16.98 4.06
CA THR A 245 2.06 -16.83 3.77
C THR A 245 2.31 -16.10 2.44
N GLY A 246 1.35 -15.33 1.96
CA GLY A 246 1.58 -14.38 0.89
C GLY A 246 1.70 -14.92 -0.51
N CYS A 247 0.89 -15.92 -0.86
CA CYS A 247 1.08 -16.58 -2.15
C CYS A 247 1.03 -15.60 -3.31
N CYS A 248 0.03 -14.71 -3.32
CA CYS A 248 -0.11 -13.80 -4.44
C CYS A 248 1.03 -12.79 -4.49
N TRP A 249 1.79 -12.65 -3.41
CA TRP A 249 2.90 -11.70 -3.33
C TRP A 249 4.22 -12.32 -3.75
N GLY A 250 4.21 -13.53 -4.30
CA GLY A 250 5.44 -14.25 -4.55
C GLY A 250 5.92 -15.05 -3.37
N GLY A 251 5.11 -15.19 -2.33
CA GLY A 251 5.43 -16.04 -1.20
C GLY A 251 5.04 -17.47 -1.46
N THR A 252 4.23 -18.04 -0.57
CA THR A 252 3.81 -19.43 -0.69
C THR A 252 2.34 -19.54 -0.30
N LEU A 253 1.71 -20.60 -0.77
CA LEU A 253 0.39 -20.99 -0.28
C LEU A 253 0.59 -22.09 0.75
N THR A 254 -0.01 -21.94 1.93
CA THR A 254 0.20 -22.88 3.03
C THR A 254 -1.07 -23.64 3.34
N CYS A 255 -0.92 -24.97 3.54
CA CYS A 255 -2.00 -25.85 3.94
C CYS A 255 -1.60 -26.54 5.23
N LEU A 256 -2.47 -26.51 6.23
CA LEU A 256 -2.28 -27.18 7.50
C LEU A 256 -3.28 -28.33 7.61
N ARG A 257 -2.77 -29.54 7.87
CA ARG A 257 -3.67 -30.66 8.18
C ARG A 257 -3.87 -30.71 9.69
N TRP A 258 -5.15 -30.68 10.10
CA TRP A 258 -5.45 -30.48 11.51
C TRP A 258 -5.11 -31.71 12.35
N GLU A 259 -5.32 -32.91 11.81
CA GLU A 259 -5.19 -34.10 12.66
C GLU A 259 -3.79 -34.25 13.21
N ASP A 260 -2.77 -33.96 12.39
CA ASP A 260 -1.38 -34.10 12.83
C ASP A 260 -0.64 -32.78 12.83
N LYS A 261 -1.33 -31.66 12.61
CA LYS A 261 -0.69 -30.35 12.53
C LYS A 261 0.47 -30.38 11.54
N GLN A 262 0.28 -31.05 10.42
CA GLN A 262 1.35 -31.16 9.44
C GLN A 262 1.16 -30.09 8.38
N TYR A 263 2.23 -29.39 8.03
CA TYR A 263 2.17 -28.32 7.03
C TYR A 263 2.63 -28.79 5.65
N PHE A 264 1.93 -28.32 4.62
CA PHE A 264 2.27 -28.54 3.23
C PHE A 264 2.32 -27.19 2.54
N VAL A 265 3.33 -26.96 1.71
CA VAL A 265 3.54 -25.64 1.12
C VAL A 265 3.65 -25.75 -0.40
N GLN A 266 3.01 -24.81 -1.09
CA GLN A 266 3.07 -24.70 -2.54
C GLN A 266 3.75 -23.39 -2.90
N PRO A 267 4.89 -23.41 -3.58
CA PRO A 267 5.53 -22.15 -3.96
C PRO A 267 4.67 -21.36 -4.93
N SER A 268 4.75 -20.04 -4.79
CA SER A 268 4.10 -19.15 -5.75
C SER A 268 4.68 -19.34 -7.14
N ASN A 269 3.82 -19.28 -8.15
CA ASN A 269 4.28 -19.27 -9.54
C ASN A 269 4.71 -17.89 -10.00
N ARG A 270 4.30 -16.85 -9.29
CA ARG A 270 4.62 -15.47 -9.62
C ARG A 270 6.11 -15.18 -9.42
N ALA B 2 28.49 23.88 -14.37
CA ALA B 2 27.79 22.74 -14.95
C ALA B 2 26.53 22.48 -14.14
N THR B 3 25.58 21.78 -14.77
CA THR B 3 24.29 21.44 -14.16
C THR B 3 24.19 19.94 -14.06
N TYR B 4 23.92 19.43 -12.85
CA TYR B 4 23.79 18.00 -12.61
C TYR B 4 22.42 17.70 -12.05
N LEU B 5 21.80 16.62 -12.53
CA LEU B 5 20.49 16.18 -12.03
C LEU B 5 20.67 14.77 -11.47
N ILE B 6 20.28 14.55 -10.22
CA ILE B 6 20.42 13.24 -9.60
C ILE B 6 19.06 12.76 -9.11
N GLY B 7 18.79 11.46 -9.27
CA GLY B 7 17.55 10.86 -8.85
C GLY B 7 17.51 10.54 -7.35
N ASP B 8 16.51 9.74 -6.97
CA ASP B 8 16.18 9.55 -5.56
C ASP B 8 17.38 9.04 -4.77
N VAL B 9 17.76 9.79 -3.74
CA VAL B 9 18.95 9.45 -2.96
C VAL B 9 18.63 8.46 -1.84
N HIS B 10 17.47 8.58 -1.20
CA HIS B 10 17.05 7.64 -0.16
C HIS B 10 18.17 7.31 0.84
N GLY B 11 18.75 8.34 1.44
CA GLY B 11 19.71 8.12 2.52
C GLY B 11 21.02 7.50 2.09
N CYS B 12 21.26 7.38 0.78
CA CYS B 12 22.49 6.78 0.27
C CYS B 12 23.57 7.85 0.15
N TYR B 13 24.01 8.33 1.32
CA TYR B 13 24.94 9.44 1.39
C TYR B 13 26.28 9.09 0.73
N ASP B 14 26.84 7.92 1.03
CA ASP B 14 28.14 7.57 0.49
C ASP B 14 28.12 7.54 -1.04
N GLU B 15 27.05 6.99 -1.62
CA GLU B 15 26.91 6.95 -3.07
C GLU B 15 26.75 8.33 -3.67
N LEU B 16 25.98 9.20 -3.00
CA LEU B 16 25.80 10.56 -3.49
C LEU B 16 27.14 11.28 -3.55
N ILE B 17 27.91 11.21 -2.46
CA ILE B 17 29.19 11.92 -2.42
C ILE B 17 30.15 11.34 -3.44
N ALA B 18 30.18 10.01 -3.59
CA ALA B 18 31.09 9.42 -4.59
C ALA B 18 30.73 9.89 -5.99
N LEU B 19 29.41 9.95 -6.30
CA LEU B 19 29.00 10.40 -7.63
C LEU B 19 29.36 11.86 -7.83
N LEU B 20 29.13 12.71 -6.81
CA LEU B 20 29.50 14.11 -6.96
C LEU B 20 31.00 14.30 -7.09
N HIS B 21 31.80 13.46 -6.43
CA HIS B 21 33.24 13.57 -6.62
C HIS B 21 33.65 13.13 -8.03
N LYS B 22 32.96 12.11 -8.58
CA LYS B 22 33.26 11.68 -9.95
C LYS B 22 33.14 12.83 -10.93
N VAL B 23 32.10 13.66 -10.79
CA VAL B 23 31.89 14.77 -11.71
C VAL B 23 32.56 16.05 -11.23
N GLU B 24 33.31 15.99 -10.12
CA GLU B 24 33.98 17.14 -9.52
C GLU B 24 33.01 18.29 -9.28
N PHE B 25 31.87 17.94 -8.67
CA PHE B 25 30.86 18.95 -8.35
C PHE B 25 31.45 20.03 -7.46
N THR B 26 31.31 21.29 -7.88
CA THR B 26 31.88 22.43 -7.17
C THR B 26 30.82 23.49 -6.88
N PRO B 27 30.29 23.55 -5.66
CA PRO B 27 29.30 24.59 -5.34
C PRO B 27 29.81 25.97 -5.70
N GLY B 28 28.93 26.80 -6.24
CA GLY B 28 29.29 28.12 -6.71
C GLY B 28 29.58 28.19 -8.19
N LYS B 29 30.17 27.12 -8.75
CA LYS B 29 30.33 26.99 -10.18
C LYS B 29 29.32 26.04 -10.80
N ASP B 30 28.79 25.09 -10.02
CA ASP B 30 27.86 24.07 -10.49
C ASP B 30 26.56 24.15 -9.70
N THR B 31 25.50 23.64 -10.30
CA THR B 31 24.21 23.53 -9.64
C THR B 31 23.75 22.08 -9.68
N LEU B 32 23.22 21.59 -8.56
CA LEU B 32 22.74 20.22 -8.45
C LEU B 32 21.23 20.26 -8.31
N TRP B 33 20.51 19.53 -9.17
CA TRP B 33 19.07 19.32 -9.04
C TRP B 33 18.85 17.93 -8.47
N LEU B 34 17.97 17.82 -7.47
CA LEU B 34 17.67 16.54 -6.84
C LEU B 34 16.17 16.28 -6.95
N THR B 35 15.81 15.06 -7.36
CA THR B 35 14.40 14.75 -7.58
C THR B 35 13.61 14.49 -6.31
N GLY B 36 14.23 14.51 -5.14
CA GLY B 36 13.50 14.27 -3.89
C GLY B 36 13.60 12.84 -3.45
N ASP B 37 12.83 12.51 -2.41
CA ASP B 37 13.06 11.24 -1.69
C ASP B 37 14.52 11.19 -1.24
N LEU B 38 14.91 12.21 -0.50
CA LEU B 38 16.27 12.28 0.02
C LEU B 38 16.49 11.29 1.14
N VAL B 39 15.42 10.82 1.79
CA VAL B 39 15.50 10.14 3.07
C VAL B 39 14.82 8.77 2.98
N ALA B 40 15.05 7.97 4.03
CA ALA B 40 14.46 6.65 4.23
C ALA B 40 15.14 5.55 3.42
N ARG B 41 15.08 4.34 3.95
CA ARG B 41 15.61 3.11 3.39
C ARG B 41 17.13 3.02 3.43
N GLY B 42 17.83 3.98 2.85
CA GLY B 42 19.27 4.00 3.01
C GLY B 42 19.67 4.35 4.42
N PRO B 43 20.96 4.23 4.77
CA PRO B 43 21.37 4.41 6.18
C PRO B 43 21.65 5.85 6.59
N GLY B 44 21.86 6.75 5.63
CA GLY B 44 22.36 8.06 5.96
C GLY B 44 21.44 9.23 5.68
N SER B 45 20.16 9.12 6.01
CA SER B 45 19.25 10.25 5.79
C SER B 45 19.72 11.50 6.53
N LEU B 46 20.27 11.34 7.74
CA LEU B 46 20.72 12.51 8.50
C LEU B 46 21.86 13.22 7.77
N ASP B 47 22.82 12.44 7.29
CA ASP B 47 23.95 13.03 6.57
C ASP B 47 23.50 13.67 5.26
N VAL B 48 22.55 13.02 4.56
CA VAL B 48 22.07 13.59 3.30
C VAL B 48 21.42 14.95 3.56
N LEU B 49 20.53 15.03 4.55
CA LEU B 49 19.87 16.31 4.80
C LEU B 49 20.87 17.39 5.24
N ARG B 50 21.81 17.05 6.14
CA ARG B 50 22.81 18.04 6.52
C ARG B 50 23.56 18.57 5.31
N TYR B 51 24.03 17.67 4.45
CA TYR B 51 24.83 18.08 3.29
C TYR B 51 24.00 18.92 2.31
N VAL B 52 22.80 18.43 1.95
CA VAL B 52 22.00 19.13 0.95
C VAL B 52 21.63 20.52 1.44
N LYS B 53 21.25 20.64 2.73
CA LYS B 53 20.98 21.97 3.26
C LYS B 53 22.23 22.86 3.22
N SER B 54 23.40 22.29 3.49
CA SER B 54 24.61 23.11 3.47
C SER B 54 24.90 23.66 2.08
N LEU B 55 24.35 23.04 1.04
CA LEU B 55 24.64 23.52 -0.33
C LEU B 55 23.94 24.83 -0.66
N GLY B 56 22.87 25.18 0.04
CA GLY B 56 22.23 26.47 -0.20
C GLY B 56 21.76 26.60 -1.64
N ASP B 57 22.05 27.75 -2.26
CA ASP B 57 21.62 28.05 -3.63
C ASP B 57 22.24 27.13 -4.67
N SER B 58 23.22 26.31 -4.30
CA SER B 58 23.81 25.41 -5.27
C SER B 58 23.00 24.15 -5.46
N VAL B 59 21.88 23.99 -4.75
CA VAL B 59 21.01 22.84 -4.97
C VAL B 59 19.61 23.34 -5.26
N ARG B 60 18.93 22.66 -6.17
CA ARG B 60 17.51 22.86 -6.48
C ARG B 60 16.80 21.53 -6.24
N LEU B 61 16.07 21.47 -5.13
CA LEU B 61 15.37 20.28 -4.66
C LEU B 61 13.88 20.35 -4.98
N VAL B 62 13.28 19.20 -5.22
CA VAL B 62 11.82 19.08 -5.10
C VAL B 62 11.52 17.99 -4.08
N LEU B 63 10.41 18.14 -3.35
CA LEU B 63 10.05 17.16 -2.33
C LEU B 63 9.35 15.94 -2.93
N GLY B 64 9.65 14.77 -2.39
CA GLY B 64 9.04 13.52 -2.76
C GLY B 64 8.14 12.97 -1.68
N ASN B 65 7.52 11.82 -1.99
CA ASN B 65 6.55 11.26 -1.05
C ASN B 65 7.21 10.81 0.25
N HIS B 66 8.46 10.32 0.20
CA HIS B 66 9.11 9.92 1.45
C HIS B 66 9.56 11.14 2.27
N ASP B 67 9.89 12.25 1.59
CA ASP B 67 10.21 13.46 2.33
C ASP B 67 8.98 13.95 3.10
N LEU B 68 7.81 13.94 2.44
CA LEU B 68 6.56 14.31 3.11
C LEU B 68 6.22 13.35 4.24
N HIS B 69 6.44 12.04 4.04
CA HIS B 69 6.20 11.12 5.14
C HIS B 69 7.09 11.45 6.34
N LEU B 70 8.37 11.71 6.09
CA LEU B 70 9.25 12.09 7.20
C LEU B 70 8.71 13.30 7.93
N LEU B 71 8.24 14.31 7.18
CA LEU B 71 7.68 15.51 7.81
C LEU B 71 6.44 15.15 8.63
N ALA B 72 5.62 14.23 8.14
CA ALA B 72 4.45 13.79 8.90
C ALA B 72 4.85 13.12 10.21
N VAL B 73 5.92 12.30 10.19
CA VAL B 73 6.40 11.68 11.43
C VAL B 73 6.93 12.73 12.39
N PHE B 74 7.69 13.69 11.86
CA PHE B 74 8.25 14.78 12.67
C PHE B 74 7.14 15.56 13.37
N ALA B 75 6.02 15.76 12.69
CA ALA B 75 4.90 16.53 13.21
C ALA B 75 3.96 15.71 14.09
N GLY B 76 4.23 14.43 14.28
CA GLY B 76 3.36 13.60 15.10
C GLY B 76 2.09 13.17 14.42
N ILE B 77 1.99 13.36 13.10
CA ILE B 77 0.83 12.93 12.32
C ILE B 77 0.90 11.44 12.06
N SER B 78 2.11 10.93 11.79
CA SER B 78 2.30 9.55 11.43
C SER B 78 3.33 8.98 12.39
N ARG B 79 3.24 7.69 12.65
CA ARG B 79 4.12 7.06 13.62
C ARG B 79 5.42 6.63 12.95
N ASN B 80 6.52 6.80 13.68
CA ASN B 80 7.81 6.43 13.14
C ASN B 80 7.94 4.90 13.11
N LYS B 81 8.26 4.36 11.94
CA LYS B 81 8.55 2.95 11.81
C LYS B 81 10.06 2.77 11.79
N PRO B 82 10.64 1.98 12.69
CA PRO B 82 12.10 1.90 12.74
C PRO B 82 12.74 1.46 11.44
N LYS B 83 12.08 0.57 10.69
CA LYS B 83 12.61 0.06 9.44
C LYS B 83 12.92 1.15 8.43
N ASP B 84 12.29 2.33 8.56
CA ASP B 84 12.52 3.40 7.60
C ASP B 84 13.90 4.03 7.78
N ARG B 85 14.54 3.77 8.93
CA ARG B 85 15.86 4.29 9.26
C ARG B 85 15.87 5.80 9.35
N LEU B 86 14.77 6.36 9.86
CA LEU B 86 14.67 7.78 10.11
C LEU B 86 14.99 8.15 11.54
N THR B 87 15.14 7.19 12.44
CA THR B 87 15.27 7.55 13.85
C THR B 87 16.49 8.40 14.13
N PRO B 88 17.67 8.13 13.56
CA PRO B 88 18.82 9.00 13.85
C PRO B 88 18.56 10.45 13.48
N LEU B 89 17.92 10.69 12.33
CA LEU B 89 17.57 12.05 11.94
C LEU B 89 16.56 12.66 12.92
N LEU B 90 15.50 11.91 13.24
CA LEU B 90 14.47 12.46 14.13
C LEU B 90 15.01 12.79 15.51
N GLU B 91 16.03 12.06 15.97
CA GLU B 91 16.58 12.23 17.31
C GLU B 91 17.79 13.17 17.34
N ALA B 92 18.19 13.71 16.18
CA ALA B 92 19.37 14.57 16.14
C ALA B 92 19.11 15.91 16.82
N PRO B 93 20.16 16.51 17.40
CA PRO B 93 19.96 17.82 18.04
C PRO B 93 19.56 18.89 17.06
N ASP B 94 19.90 18.73 15.77
CA ASP B 94 19.52 19.70 14.75
C ASP B 94 18.30 19.24 13.96
N ALA B 95 17.53 18.28 14.47
CA ALA B 95 16.36 17.80 13.73
C ALA B 95 15.41 18.94 13.38
N ASP B 96 15.10 19.82 14.34
CA ASP B 96 14.20 20.92 14.05
C ASP B 96 14.72 21.79 12.91
N GLU B 97 16.01 22.17 13.00
CA GLU B 97 16.61 22.98 11.93
C GLU B 97 16.48 22.31 10.57
N LEU B 98 16.83 21.03 10.49
CA LEU B 98 16.83 20.33 9.21
C LEU B 98 15.41 20.18 8.67
N LEU B 99 14.45 19.84 9.52
CA LEU B 99 13.12 19.52 9.01
C LEU B 99 12.30 20.77 8.77
N ASN B 100 12.54 21.84 9.54
CA ASN B 100 11.92 23.11 9.20
C ASN B 100 12.51 23.66 7.90
N TRP B 101 13.78 23.36 7.61
CA TRP B 101 14.29 23.69 6.28
C TRP B 101 13.63 22.83 5.21
N LEU B 102 13.51 21.53 5.45
CA LEU B 102 13.00 20.63 4.43
C LEU B 102 11.58 21.01 4.01
N ARG B 103 10.72 21.34 4.98
CA ARG B 103 9.32 21.61 4.62
C ARG B 103 9.15 22.91 3.85
N ARG B 104 10.18 23.76 3.79
CA ARG B 104 10.12 24.98 3.00
C ARG B 104 10.66 24.79 1.58
N GLN B 105 11.00 23.54 1.19
CA GLN B 105 11.54 23.37 -0.15
C GLN B 105 10.43 23.17 -1.19
N PRO B 106 10.72 23.41 -2.47
CA PRO B 106 9.65 23.39 -3.50
C PRO B 106 9.17 21.99 -3.83
N LEU B 107 7.98 21.96 -4.46
CA LEU B 107 7.48 20.78 -5.16
C LEU B 107 7.83 20.78 -6.64
N LEU B 108 8.25 21.90 -7.19
CA LEU B 108 8.40 22.08 -8.62
C LEU B 108 9.56 23.04 -8.87
N GLN B 109 10.45 22.68 -9.78
CA GLN B 109 11.55 23.55 -10.19
C GLN B 109 11.43 23.80 -11.69
N ILE B 110 11.56 25.06 -12.10
CA ILE B 110 11.49 25.41 -13.52
C ILE B 110 12.69 26.30 -13.85
N ASP B 111 13.41 25.95 -14.92
CA ASP B 111 14.48 26.77 -15.48
C ASP B 111 14.10 27.11 -16.91
N GLU B 112 13.75 28.39 -17.14
CA GLU B 112 13.26 28.79 -18.45
C GLU B 112 14.39 28.82 -19.47
N GLU B 113 15.62 29.15 -19.04
CA GLU B 113 16.74 29.18 -19.98
C GLU B 113 17.11 27.77 -20.46
N LYS B 114 16.90 26.77 -19.62
CA LYS B 114 17.12 25.39 -20.04
C LYS B 114 15.86 24.75 -20.59
N LYS B 115 14.71 25.41 -20.49
CA LYS B 115 13.42 24.81 -20.81
C LYS B 115 13.30 23.47 -20.11
N LEU B 116 13.52 23.50 -18.79
CA LEU B 116 13.61 22.29 -18.00
C LEU B 116 12.70 22.43 -16.79
N VAL B 117 11.86 21.41 -16.57
CA VAL B 117 10.95 21.33 -15.43
C VAL B 117 11.31 20.08 -14.64
N MET B 118 11.32 20.19 -13.31
CA MET B 118 11.48 18.97 -12.54
C MET B 118 10.46 18.93 -11.41
N ALA B 119 9.86 17.75 -11.20
CA ALA B 119 9.05 17.44 -10.04
C ALA B 119 9.31 15.99 -9.68
N HIS B 120 8.88 15.56 -8.50
CA HIS B 120 9.32 14.25 -8.01
C HIS B 120 8.79 13.13 -8.90
N ALA B 121 7.48 13.14 -9.15
CA ALA B 121 6.83 12.10 -9.94
C ALA B 121 6.63 12.49 -11.40
N GLY B 122 6.75 13.77 -11.74
CA GLY B 122 6.52 14.17 -13.11
C GLY B 122 5.45 15.24 -13.16
N ILE B 123 4.89 15.50 -14.34
CA ILE B 123 3.81 16.49 -14.50
C ILE B 123 2.62 15.77 -15.10
N THR B 124 1.50 15.72 -14.37
CA THR B 124 0.34 15.05 -14.93
C THR B 124 -0.04 15.70 -16.27
N PRO B 125 -0.42 14.90 -17.27
CA PRO B 125 -0.87 15.49 -18.54
C PRO B 125 -2.13 16.32 -18.41
N GLN B 126 -2.83 16.28 -17.27
CA GLN B 126 -3.99 17.14 -17.08
C GLN B 126 -3.61 18.56 -16.71
N TRP B 127 -2.33 18.86 -16.51
CA TRP B 127 -1.88 20.18 -16.10
C TRP B 127 -1.11 20.87 -17.22
N ASP B 128 -1.42 22.15 -17.45
CA ASP B 128 -0.49 22.98 -18.21
C ASP B 128 0.49 23.62 -17.23
N LEU B 129 1.46 24.39 -17.74
CA LEU B 129 2.51 24.87 -16.85
C LEU B 129 1.97 25.86 -15.83
N GLN B 130 1.07 26.77 -16.24
CA GLN B 130 0.55 27.74 -15.29
C GLN B 130 -0.18 27.05 -14.14
N THR B 131 -0.95 26.00 -14.45
CA THR B 131 -1.66 25.28 -13.40
C THR B 131 -0.68 24.53 -12.50
N ALA B 132 0.32 23.86 -13.07
CA ALA B 132 1.31 23.20 -12.23
C ALA B 132 1.98 24.21 -11.29
N LYS B 133 2.31 25.40 -11.79
CA LYS B 133 2.95 26.41 -10.95
C LYS B 133 2.02 26.85 -9.83
N GLU B 134 0.75 27.12 -10.15
CA GLU B 134 -0.18 27.55 -9.12
C GLU B 134 -0.37 26.47 -8.06
N CYS B 135 -0.47 25.22 -8.48
CA CYS B 135 -0.67 24.13 -7.53
C CYS B 135 0.55 23.93 -6.65
N ALA B 136 1.74 23.99 -7.23
CA ALA B 136 2.95 23.90 -6.40
C ALA B 136 2.98 25.03 -5.39
N ARG B 137 2.66 26.25 -5.82
CA ARG B 137 2.71 27.37 -4.89
C ARG B 137 1.72 27.18 -3.75
N ASP B 138 0.54 26.64 -4.04
CA ASP B 138 -0.46 26.46 -2.99
C ASP B 138 0.00 25.44 -1.94
N VAL B 139 0.53 24.31 -2.39
CA VAL B 139 0.93 23.30 -1.40
C VAL B 139 2.21 23.75 -0.66
N GLU B 140 3.13 24.41 -1.37
CA GLU B 140 4.31 24.94 -0.69
C GLU B 140 3.91 25.95 0.37
N ALA B 141 2.85 26.73 0.09
CA ALA B 141 2.41 27.71 1.08
C ALA B 141 1.92 27.02 2.33
N VAL B 142 1.16 25.93 2.20
CA VAL B 142 0.71 25.27 3.42
C VAL B 142 1.87 24.58 4.15
N LEU B 143 2.81 23.99 3.40
CA LEU B 143 3.91 23.27 4.04
C LEU B 143 4.85 24.21 4.78
N SER B 144 4.98 25.45 4.30
N SER B 144 4.98 25.44 4.31
CA SER B 144 5.86 26.45 4.90
CA SER B 144 5.88 26.41 4.93
C SER B 144 5.22 27.16 6.08
C SER B 144 5.19 27.24 6.00
N SER B 145 3.92 26.99 6.27
CA SER B 145 3.15 27.71 7.27
C SER B 145 3.23 27.02 8.63
N ASP B 146 2.88 27.79 9.69
CA ASP B 146 2.87 27.23 11.03
C ASP B 146 1.87 26.08 11.16
N SER B 147 0.87 26.03 10.30
CA SER B 147 -0.19 25.03 10.38
C SER B 147 0.09 23.80 9.52
N TYR B 148 1.36 23.56 9.20
CA TYR B 148 1.68 22.46 8.29
C TYR B 148 1.27 21.08 8.80
N PRO B 149 1.22 20.79 10.10
CA PRO B 149 0.79 19.44 10.51
C PRO B 149 -0.64 19.13 10.09
N PHE B 150 -1.52 20.13 10.11
CA PHE B 150 -2.88 19.92 9.63
C PHE B 150 -2.89 19.52 8.17
N PHE B 151 -2.07 20.19 7.34
CA PHE B 151 -2.00 19.79 5.94
C PHE B 151 -1.44 18.39 5.80
N LEU B 152 -0.35 18.08 6.51
CA LEU B 152 0.22 16.75 6.39
C LEU B 152 -0.81 15.68 6.70
N ASP B 153 -1.65 15.92 7.70
CA ASP B 153 -2.71 14.96 8.00
C ASP B 153 -3.75 14.90 6.89
N ALA B 154 -4.11 16.06 6.34
CA ALA B 154 -5.14 16.12 5.31
C ALA B 154 -4.66 15.55 3.97
N MET B 155 -3.35 15.48 3.77
CA MET B 155 -2.80 15.09 2.47
C MET B 155 -3.07 13.62 2.18
N TYR B 156 -3.21 12.79 3.21
CA TYR B 156 -3.40 11.37 3.02
C TYR B 156 -4.74 11.09 2.35
N GLY B 157 -4.71 10.26 1.31
CA GLY B 157 -5.91 9.92 0.57
C GLY B 157 -5.60 9.67 -0.90
N ASP B 158 -6.45 8.88 -1.53
CA ASP B 158 -6.25 8.51 -2.93
C ASP B 158 -7.23 9.17 -3.89
N MET B 159 -8.19 9.96 -3.40
CA MET B 159 -9.15 10.64 -4.24
C MET B 159 -9.19 12.12 -3.89
N PRO B 160 -9.60 12.98 -4.83
CA PRO B 160 -10.00 12.70 -6.21
C PRO B 160 -8.80 12.39 -7.06
N ASN B 161 -8.99 11.68 -8.18
CA ASN B 161 -7.88 11.34 -9.07
C ASN B 161 -8.01 11.99 -10.43
N ASN B 162 -8.93 12.96 -10.58
CA ASN B 162 -9.17 13.68 -11.82
C ASN B 162 -9.07 15.17 -11.55
N TRP B 163 -8.19 15.86 -12.28
CA TRP B 163 -8.05 17.29 -12.08
C TRP B 163 -9.24 18.06 -12.65
N SER B 164 -9.68 19.07 -11.89
CA SER B 164 -10.57 20.10 -12.43
C SER B 164 -10.20 21.40 -11.74
N PRO B 165 -10.19 22.53 -12.46
CA PRO B 165 -10.00 23.82 -11.79
C PRO B 165 -11.09 24.12 -10.77
N GLU B 166 -12.20 23.38 -10.80
CA GLU B 166 -13.27 23.55 -9.83
C GLU B 166 -13.03 22.82 -8.52
N LEU B 167 -11.99 21.99 -8.44
CA LEU B 167 -11.71 21.32 -7.18
C LEU B 167 -11.46 22.34 -6.09
N ARG B 168 -11.93 22.02 -4.88
CA ARG B 168 -11.75 22.92 -3.75
C ARG B 168 -11.33 22.12 -2.53
N GLY B 169 -10.72 22.82 -1.58
CA GLY B 169 -10.52 22.25 -0.26
C GLY B 169 -9.61 21.05 -0.23
N LEU B 170 -9.97 20.09 0.64
CA LEU B 170 -9.11 18.94 0.91
C LEU B 170 -8.85 18.15 -0.35
N GLY B 171 -9.89 17.92 -1.16
CA GLY B 171 -9.70 17.17 -2.39
C GLY B 171 -8.71 17.82 -3.33
N ARG B 172 -8.75 19.15 -3.42
CA ARG B 172 -7.81 19.85 -4.28
C ARG B 172 -6.38 19.62 -3.81
N LEU B 173 -6.16 19.81 -2.50
CA LEU B 173 -4.81 19.65 -1.96
C LEU B 173 -4.31 18.22 -2.10
N ARG B 174 -5.21 17.24 -1.89
CA ARG B 174 -4.81 15.84 -2.02
C ARG B 174 -4.45 15.49 -3.45
N PHE B 175 -5.23 15.96 -4.44
CA PHE B 175 -4.87 15.69 -5.82
C PHE B 175 -3.52 16.28 -6.14
N ILE B 176 -3.31 17.55 -5.79
CA ILE B 176 -2.03 18.19 -6.11
C ILE B 176 -0.87 17.38 -5.52
N THR B 177 -1.00 16.96 -4.25
CA THR B 177 0.07 16.21 -3.61
C THR B 177 0.31 14.89 -4.33
N ASN B 178 -0.78 14.20 -4.68
CA ASN B 178 -0.64 12.91 -5.35
C ASN B 178 -0.01 13.06 -6.72
N ALA B 179 -0.40 14.08 -7.47
CA ALA B 179 0.15 14.30 -8.81
C ALA B 179 1.64 14.59 -8.73
N PHE B 180 2.06 15.42 -7.78
CA PHE B 180 3.49 15.76 -7.73
C PHE B 180 4.35 14.65 -7.15
N THR B 181 3.85 13.86 -6.20
CA THR B 181 4.74 13.01 -5.44
C THR B 181 4.44 11.51 -5.50
N ARG B 182 3.30 11.09 -6.07
CA ARG B 182 2.97 9.68 -6.10
C ARG B 182 2.66 9.13 -7.48
N MET B 183 2.35 9.98 -8.44
CA MET B 183 1.85 9.55 -9.75
C MET B 183 2.81 8.58 -10.45
N ARG B 184 2.25 7.57 -11.10
CA ARG B 184 2.99 6.77 -12.07
C ARG B 184 2.09 6.56 -13.28
N PHE B 185 1.03 5.75 -13.12
CA PHE B 185 0.15 5.37 -14.22
C PHE B 185 -1.08 6.26 -14.29
N CYS B 186 -1.57 6.43 -15.52
CA CYS B 186 -2.80 7.17 -15.79
C CYS B 186 -3.77 6.29 -16.56
N PHE B 187 -5.05 6.59 -16.41
CA PHE B 187 -6.03 6.03 -17.32
C PHE B 187 -5.99 6.83 -18.61
N PRO B 188 -6.59 6.31 -19.69
CA PRO B 188 -6.47 6.99 -20.99
C PRO B 188 -6.85 8.46 -20.96
N ASN B 189 -7.78 8.85 -20.09
CA ASN B 189 -8.25 10.22 -20.02
C ASN B 189 -7.39 11.09 -19.10
N GLY B 190 -6.28 10.55 -18.62
CA GLY B 190 -5.39 11.30 -17.74
C GLY B 190 -5.61 11.09 -16.26
N GLN B 191 -6.69 10.44 -15.84
CA GLN B 191 -6.93 10.28 -14.40
C GLN B 191 -5.83 9.44 -13.76
N LEU B 192 -5.47 9.77 -12.51
CA LEU B 192 -4.40 9.06 -11.82
C LEU B 192 -4.83 7.70 -11.30
N ASP B 193 -3.96 6.70 -11.47
CA ASP B 193 -4.08 5.44 -10.75
C ASP B 193 -3.14 5.46 -9.57
N MET B 194 -3.67 5.21 -8.38
CA MET B 194 -2.86 5.34 -7.17
C MET B 194 -2.39 4.01 -6.62
N TYR B 195 -2.50 2.93 -7.38
CA TYR B 195 -2.23 1.60 -6.82
C TYR B 195 -1.13 0.83 -7.53
N SER B 196 -1.05 0.88 -8.86
CA SER B 196 -0.06 0.10 -9.58
C SER B 196 1.31 0.78 -9.57
N LYS B 197 2.34 0.02 -9.18
CA LYS B 197 3.70 0.55 -9.08
C LYS B 197 4.69 -0.23 -9.93
N GLU B 198 4.22 -1.13 -10.77
CA GLU B 198 5.12 -2.01 -11.51
C GLU B 198 5.63 -1.29 -12.76
N SER B 199 6.48 -1.98 -13.53
CA SER B 199 6.95 -1.41 -14.79
C SER B 199 5.78 -1.30 -15.78
N PRO B 200 5.91 -0.41 -16.78
CA PRO B 200 4.83 -0.28 -17.76
C PRO B 200 4.44 -1.59 -18.43
N GLU B 201 5.42 -2.45 -18.70
CA GLU B 201 5.13 -3.71 -19.39
C GLU B 201 4.28 -4.65 -18.55
N GLU B 202 4.32 -4.53 -17.22
CA GLU B 202 3.61 -5.45 -16.36
C GLU B 202 2.29 -4.88 -15.85
N ALA B 203 1.98 -3.63 -16.20
CA ALA B 203 0.82 -2.98 -15.61
C ALA B 203 -0.47 -3.53 -16.22
N PRO B 204 -1.55 -3.54 -15.44
CA PRO B 204 -2.83 -4.00 -15.97
C PRO B 204 -3.45 -2.97 -16.90
N ALA B 205 -4.10 -3.46 -17.96
CA ALA B 205 -4.83 -2.54 -18.82
C ALA B 205 -5.95 -1.88 -18.02
N PRO B 206 -6.33 -0.64 -18.38
CA PRO B 206 -5.84 0.17 -19.48
C PRO B 206 -4.77 1.18 -19.08
N LEU B 207 -3.99 0.89 -18.04
CA LEU B 207 -3.06 1.87 -17.49
C LEU B 207 -1.87 2.09 -18.41
N LYS B 208 -1.45 3.35 -18.52
CA LYS B 208 -0.27 3.75 -19.26
C LYS B 208 0.52 4.74 -18.43
N PRO B 209 1.83 4.83 -18.65
CA PRO B 209 2.61 5.85 -17.92
C PRO B 209 2.08 7.25 -18.20
N TRP B 210 2.17 8.10 -17.17
CA TRP B 210 1.77 9.49 -17.34
C TRP B 210 2.46 10.14 -18.52
N PHE B 211 3.70 9.77 -18.80
CA PHE B 211 4.45 10.43 -19.87
C PHE B 211 4.09 9.87 -21.25
N ALA B 212 3.27 8.83 -21.31
CA ALA B 212 2.78 8.30 -22.58
C ALA B 212 1.53 9.00 -23.07
N ILE B 213 0.94 9.87 -22.26
CA ILE B 213 -0.22 10.66 -22.64
C ILE B 213 0.27 12.06 -22.97
N PRO B 214 0.08 12.54 -24.21
CA PRO B 214 0.57 13.87 -24.56
C PRO B 214 -0.02 14.94 -23.66
N GLY B 215 0.86 15.74 -23.06
CA GLY B 215 0.46 16.82 -22.18
C GLY B 215 1.10 18.13 -22.59
N PRO B 216 0.47 19.25 -22.22
CA PRO B 216 0.96 20.56 -22.68
C PRO B 216 2.35 20.93 -22.20
N VAL B 217 2.76 20.49 -21.01
CA VAL B 217 4.07 20.89 -20.49
C VAL B 217 5.18 20.23 -21.32
N ALA B 218 5.02 18.95 -21.65
CA ALA B 218 6.05 18.22 -22.39
C ALA B 218 6.25 18.74 -23.81
N GLU B 219 5.27 19.45 -24.37
CA GLU B 219 5.46 19.99 -25.72
C GLU B 219 6.43 21.17 -25.76
N GLU B 220 6.63 21.87 -24.64
CA GLU B 220 7.57 22.99 -24.58
C GLU B 220 8.81 22.70 -23.76
N TYR B 221 8.73 21.79 -22.79
CA TYR B 221 9.79 21.63 -21.79
C TYR B 221 10.23 20.19 -21.71
N SER B 222 11.50 20.01 -21.37
CA SER B 222 11.98 18.73 -20.90
C SER B 222 11.49 18.55 -19.47
N ILE B 223 11.20 17.32 -19.09
CA ILE B 223 10.77 17.01 -17.72
C ILE B 223 11.72 15.99 -17.13
N ALA B 224 12.31 16.34 -15.99
CA ALA B 224 13.10 15.41 -15.19
C ALA B 224 12.30 15.01 -13.96
N PHE B 225 12.37 13.73 -13.58
CA PHE B 225 11.66 13.26 -12.42
C PHE B 225 12.38 12.06 -11.82
N GLY B 226 11.95 11.63 -10.64
CA GLY B 226 12.51 10.44 -10.01
C GLY B 226 11.40 9.44 -9.70
N HIS B 227 11.30 9.02 -8.43
CA HIS B 227 10.13 8.33 -7.87
C HIS B 227 9.91 6.89 -8.32
N TRP B 228 9.85 6.66 -9.63
CA TRP B 228 9.35 5.42 -10.24
C TRP B 228 10.47 4.42 -10.47
N ALA B 229 10.84 3.75 -9.39
CA ALA B 229 12.02 2.89 -9.44
C ALA B 229 11.84 1.72 -10.40
N SER B 230 10.63 1.16 -10.47
CA SER B 230 10.43 -0.01 -11.33
C SER B 230 10.58 0.34 -12.80
N LEU B 231 10.54 1.62 -13.15
CA LEU B 231 10.82 2.03 -14.52
C LEU B 231 12.31 1.90 -14.86
N GLU B 232 13.17 1.86 -13.85
CA GLU B 232 14.61 1.66 -14.03
C GLU B 232 15.23 2.73 -14.93
N GLY B 233 14.60 3.90 -15.00
CA GLY B 233 15.12 4.99 -15.81
C GLY B 233 15.00 4.78 -17.31
N LYS B 234 14.25 3.78 -17.74
CA LYS B 234 14.18 3.37 -19.14
C LYS B 234 12.77 3.55 -19.68
N GLY B 235 12.66 3.51 -21.01
CA GLY B 235 11.37 3.49 -21.66
C GLY B 235 10.67 4.82 -21.76
N THR B 236 11.41 5.92 -21.69
CA THR B 236 10.76 7.23 -21.76
C THR B 236 10.92 7.85 -23.15
N PRO B 237 10.01 8.75 -23.53
CA PRO B 237 10.17 9.45 -24.80
C PRO B 237 11.28 10.48 -24.73
N GLU B 238 11.66 10.99 -25.90
CA GLU B 238 12.62 12.09 -25.95
C GLU B 238 12.10 13.27 -25.15
N GLY B 239 12.98 13.87 -24.35
CA GLY B 239 12.62 15.02 -23.53
C GLY B 239 12.15 14.65 -22.13
N ILE B 240 11.99 13.36 -21.83
CA ILE B 240 11.54 12.89 -20.52
C ILE B 240 12.70 12.12 -19.89
N TYR B 241 13.10 12.51 -18.69
CA TYR B 241 14.27 11.97 -18.04
C TYR B 241 13.86 11.34 -16.71
N ALA B 242 13.81 10.00 -16.69
CA ALA B 242 13.48 9.24 -15.49
C ALA B 242 14.80 8.91 -14.80
N LEU B 243 15.09 9.64 -13.73
CA LEU B 243 16.40 9.57 -13.10
C LEU B 243 16.49 8.61 -11.93
N ASP B 244 15.38 8.03 -11.45
CA ASP B 244 15.46 7.13 -10.31
C ASP B 244 15.81 5.72 -10.76
N THR B 245 17.08 5.33 -10.61
CA THR B 245 17.50 3.98 -10.96
C THR B 245 17.68 3.09 -9.74
N GLY B 246 17.01 3.43 -8.63
CA GLY B 246 16.87 2.50 -7.53
C GLY B 246 18.07 2.30 -6.64
N CYS B 247 18.81 3.35 -6.32
CA CYS B 247 20.06 3.17 -5.59
C CYS B 247 19.83 2.41 -4.27
N CYS B 248 18.84 2.83 -3.49
CA CYS B 248 18.62 2.22 -2.17
C CYS B 248 18.17 0.77 -2.28
N TRP B 249 17.71 0.34 -3.44
CA TRP B 249 17.24 -1.02 -3.67
C TRP B 249 18.34 -1.92 -4.18
N GLY B 250 19.58 -1.47 -4.17
CA GLY B 250 20.65 -2.22 -4.81
C GLY B 250 20.82 -1.94 -6.28
N GLY B 251 20.15 -0.92 -6.83
CA GLY B 251 20.35 -0.50 -8.19
C GLY B 251 21.54 0.42 -8.31
N THR B 252 21.33 1.62 -8.85
CA THR B 252 22.39 2.58 -9.04
C THR B 252 21.87 3.98 -8.74
N LEU B 253 22.78 4.89 -8.46
CA LEU B 253 22.48 6.31 -8.40
C LEU B 253 22.91 6.96 -9.71
N THR B 254 21.99 7.70 -10.35
CA THR B 254 22.26 8.24 -11.67
C THR B 254 22.34 9.76 -11.62
N CYS B 255 23.36 10.30 -12.30
CA CYS B 255 23.56 11.74 -12.42
C CYS B 255 23.59 12.08 -13.91
N LEU B 256 22.80 13.05 -14.32
CA LEU B 256 22.77 13.54 -15.69
C LEU B 256 23.37 14.94 -15.73
N ARG B 257 24.39 15.14 -16.56
CA ARG B 257 24.92 16.49 -16.78
C ARG B 257 24.15 17.11 -17.95
N TRP B 258 23.55 18.28 -17.68
CA TRP B 258 22.59 18.85 -18.62
C TRP B 258 23.26 19.38 -19.88
N GLU B 259 24.46 19.95 -19.75
CA GLU B 259 25.04 20.66 -20.89
C GLU B 259 25.26 19.73 -22.08
N ASP B 260 25.74 18.50 -21.82
CA ASP B 260 26.00 17.55 -22.89
C ASP B 260 25.16 16.29 -22.78
N LYS B 261 24.18 16.28 -21.88
CA LYS B 261 23.32 15.11 -21.63
C LYS B 261 24.14 13.86 -21.37
N GLN B 262 25.22 14.01 -20.60
CA GLN B 262 26.09 12.87 -20.33
C GLN B 262 25.71 12.26 -18.98
N TYR B 263 25.60 10.92 -18.94
CA TYR B 263 25.21 10.21 -17.73
C TYR B 263 26.42 9.68 -16.99
N PHE B 264 26.34 9.74 -15.66
CA PHE B 264 27.32 9.19 -14.73
C PHE B 264 26.57 8.32 -13.73
N VAL B 265 27.11 7.14 -13.43
CA VAL B 265 26.39 6.18 -12.60
C VAL B 265 27.28 5.73 -11.45
N GLN B 266 26.69 5.63 -10.26
CA GLN B 266 27.37 5.15 -9.06
C GLN B 266 26.68 3.86 -8.61
N PRO B 267 27.38 2.72 -8.58
CA PRO B 267 26.75 1.49 -8.10
C PRO B 267 26.33 1.60 -6.64
N SER B 268 25.22 0.94 -6.32
CA SER B 268 24.77 0.86 -4.94
C SER B 268 25.79 0.14 -4.08
N ASN B 269 25.94 0.60 -2.84
CA ASN B 269 26.76 -0.11 -1.86
C ASN B 269 26.02 -1.27 -1.22
N ARG B 270 24.69 -1.31 -1.33
CA ARG B 270 23.87 -2.35 -0.73
C ARG B 270 24.16 -3.71 -1.34
#